data_7F8C
#
_entry.id   7F8C
#
_cell.length_a   78.018
_cell.length_b   78.018
_cell.length_c   101.536
_cell.angle_alpha   90.000
_cell.angle_beta   90.000
_cell.angle_gamma   90.000
#
_symmetry.space_group_name_H-M   'P 42 21 2'
#
loop_
_entity.id
_entity.type
_entity.pdbx_description
1 polymer Erm(38)
2 non-polymer SINEFUNGIN
3 non-polymer 'SUCCINIC ACID'
4 water water
#
_entity_poly.entity_id   1
_entity_poly.type   'polypeptide(L)'
_entity_poly.pdbx_seq_one_letter_code
;MSTPHHGRHELGQNFLSDRRVIADIVEIVSRTNGPIIEIGAGDGALTIPLQRLARPLTAVEVDARRARRLAQRTARSAPG
PASRPTEVVAADFLRYPLPRSPHVVVGNLPFHLTTAILRRLLHGPGWTTAVLLMQWEVARRRAAVGGATMMTAQWWPWFE
FGLARKVSAASFTPRPAVDAGLLTITRRSRPLVDVADRARYQALVHRVFTGRGHGMAQILQRLPTPVPRTWLRANGIAPN
SLPRQLSAAQWAALFEQTRLT
;
_entity_poly.pdbx_strand_id   A
#
# COMPACT_ATOMS: atom_id res chain seq x y z
N GLN A 13 7.56 -18.39 5.91
CA GLN A 13 6.44 -17.45 5.99
C GLN A 13 6.17 -17.07 7.45
N ASN A 14 5.76 -15.83 7.70
CA ASN A 14 5.52 -15.35 9.06
C ASN A 14 4.05 -15.03 9.28
N PHE A 15 3.40 -15.91 10.02
CA PHE A 15 1.99 -15.83 10.32
C PHE A 15 1.75 -14.85 11.47
N LEU A 16 0.65 -14.14 11.43
CA LEU A 16 0.32 -13.16 12.46
C LEU A 16 -0.22 -13.87 13.69
N SER A 17 0.57 -13.91 14.79
CA SER A 17 0.10 -14.58 16.01
C SER A 17 -0.40 -13.64 17.11
N ASP A 18 -0.09 -12.35 17.00
CA ASP A 18 -0.50 -11.37 18.01
C ASP A 18 -1.95 -10.95 17.76
N ARG A 19 -2.85 -11.35 18.64
CA ARG A 19 -4.27 -11.02 18.53
C ARG A 19 -4.58 -9.54 18.58
N ARG A 20 -3.70 -8.75 19.19
CA ARG A 20 -3.87 -7.29 19.28
C ARG A 20 -3.65 -6.64 17.90
N VAL A 21 -2.71 -7.17 17.11
CA VAL A 21 -2.48 -6.64 15.75
C VAL A 21 -3.71 -7.01 14.91
N ILE A 22 -4.21 -8.27 15.03
CA ILE A 22 -5.43 -8.71 14.34
C ILE A 22 -6.60 -7.77 14.63
N ALA A 23 -6.81 -7.43 15.91
CA ALA A 23 -7.86 -6.50 16.34
C ALA A 23 -7.66 -5.13 15.73
N ASP A 24 -6.41 -4.64 15.70
CA ASP A 24 -6.10 -3.35 15.12
C ASP A 24 -6.39 -3.29 13.61
N ILE A 25 -6.02 -4.33 12.85
CA ILE A 25 -6.28 -4.39 11.41
C ILE A 25 -7.80 -4.46 11.15
N VAL A 26 -8.51 -5.33 11.91
CA VAL A 26 -9.96 -5.44 11.76
C VAL A 26 -10.64 -4.09 12.05
N GLU A 27 -10.15 -3.37 13.07
CA GLU A 27 -10.67 -2.06 13.43
C GLU A 27 -10.53 -1.07 12.25
N ILE A 28 -9.37 -1.05 11.58
CA ILE A 28 -9.19 -0.18 10.42
C ILE A 28 -10.09 -0.62 9.24
N VAL A 29 -10.13 -1.93 8.95
CA VAL A 29 -10.93 -2.46 7.86
C VAL A 29 -12.43 -2.16 8.08
N SER A 30 -12.88 -2.25 9.34
CA SER A 30 -14.27 -2.02 9.70
C SER A 30 -14.75 -0.60 9.43
N ARG A 31 -13.84 0.37 9.32
CA ARG A 31 -14.22 1.74 9.00
C ARG A 31 -14.30 2.00 7.48
N THR A 32 -14.07 0.98 6.64
CA THR A 32 -14.19 1.08 5.20
C THR A 32 -15.50 0.39 4.75
N ASN A 33 -15.85 0.46 3.46
CA ASN A 33 -17.06 -0.14 2.92
C ASN A 33 -16.77 -0.98 1.68
N GLY A 34 -17.65 -1.94 1.41
CA GLY A 34 -17.56 -2.77 0.22
C GLY A 34 -16.87 -4.09 0.41
N PRO A 35 -16.78 -4.87 -0.66
CA PRO A 35 -16.13 -6.18 -0.58
C PRO A 35 -14.67 -6.10 -0.16
N ILE A 36 -14.17 -7.18 0.45
CA ILE A 36 -12.80 -7.26 0.91
C ILE A 36 -12.05 -8.39 0.20
N ILE A 37 -10.78 -8.15 -0.19
CA ILE A 37 -9.90 -9.16 -0.78
C ILE A 37 -8.68 -9.24 0.10
N GLU A 38 -8.36 -10.43 0.58
CA GLU A 38 -7.22 -10.64 1.44
C GLU A 38 -6.10 -11.36 0.73
N ILE A 39 -4.85 -10.87 0.85
CA ILE A 39 -3.65 -11.47 0.23
C ILE A 39 -2.92 -12.28 1.30
N GLY A 40 -2.56 -13.51 0.95
CA GLY A 40 -1.82 -14.38 1.86
C GLY A 40 -2.62 -14.73 3.09
N ALA A 41 -3.80 -15.28 2.90
CA ALA A 41 -4.73 -15.60 3.97
C ALA A 41 -4.22 -16.64 4.98
N GLY A 42 -3.29 -17.49 4.55
CA GLY A 42 -2.67 -18.50 5.41
C GLY A 42 -3.68 -19.44 6.05
N ASP A 43 -3.61 -19.56 7.37
CA ASP A 43 -4.55 -20.36 8.14
C ASP A 43 -5.82 -19.62 8.52
N GLY A 44 -5.92 -18.33 8.18
CA GLY A 44 -7.10 -17.55 8.49
C GLY A 44 -7.04 -16.70 9.73
N ALA A 45 -5.82 -16.31 10.15
CA ALA A 45 -5.61 -15.45 11.33
C ALA A 45 -6.38 -14.13 11.16
N LEU A 46 -6.41 -13.58 9.94
CA LEU A 46 -7.21 -12.38 9.65
C LEU A 46 -8.53 -12.76 8.99
N THR A 47 -8.54 -13.78 8.13
CA THR A 47 -9.75 -14.19 7.40
C THR A 47 -10.96 -14.43 8.29
N ILE A 48 -10.80 -15.23 9.36
CA ILE A 48 -11.88 -15.56 10.26
C ILE A 48 -12.43 -14.29 10.94
N PRO A 49 -11.61 -13.43 11.58
CA PRO A 49 -12.14 -12.14 12.10
C PRO A 49 -12.76 -11.19 11.05
N LEU A 50 -12.21 -11.16 9.81
CA LEU A 50 -12.75 -10.33 8.73
C LEU A 50 -14.11 -10.85 8.27
N GLN A 51 -14.30 -12.17 8.25
CA GLN A 51 -15.58 -12.77 7.87
C GLN A 51 -16.72 -12.32 8.83
N ARG A 52 -16.39 -12.08 10.11
CA ARG A 52 -17.38 -11.57 11.07
C ARG A 52 -17.81 -10.12 10.85
N LEU A 53 -17.22 -9.43 9.88
CA LEU A 53 -17.66 -8.09 9.50
C LEU A 53 -18.92 -8.16 8.57
N ALA A 54 -19.36 -9.38 8.17
CA ALA A 54 -20.54 -9.62 7.33
C ALA A 54 -20.49 -8.97 5.97
N ARG A 55 -19.29 -8.79 5.40
CA ARG A 55 -19.14 -8.21 4.06
C ARG A 55 -18.60 -9.28 3.13
N PRO A 56 -18.77 -9.16 1.80
CA PRO A 56 -18.19 -10.21 0.91
C PRO A 56 -16.67 -10.23 1.05
N LEU A 57 -16.09 -11.44 1.08
CA LEU A 57 -14.68 -11.60 1.31
C LEU A 57 -14.09 -12.62 0.36
N THR A 58 -12.92 -12.31 -0.20
CA THR A 58 -12.19 -13.25 -1.01
C THR A 58 -10.85 -13.43 -0.32
N ALA A 59 -10.51 -14.67 0.07
CA ALA A 59 -9.24 -14.92 0.73
C ALA A 59 -8.29 -15.65 -0.23
N VAL A 60 -7.16 -15.02 -0.58
CA VAL A 60 -6.18 -15.58 -1.51
C VAL A 60 -5.00 -16.20 -0.78
N GLU A 61 -4.70 -17.48 -1.08
CA GLU A 61 -3.62 -18.20 -0.44
C GLU A 61 -2.95 -19.08 -1.52
N VAL A 62 -1.65 -18.90 -1.76
CA VAL A 62 -0.92 -19.62 -2.81
C VAL A 62 -0.73 -21.14 -2.48
N ASP A 63 -0.57 -21.52 -1.19
CA ASP A 63 -0.47 -22.94 -0.81
C ASP A 63 -1.85 -23.60 -0.89
N ALA A 64 -2.08 -24.43 -1.90
CA ALA A 64 -3.36 -25.09 -2.14
C ALA A 64 -3.85 -25.98 -1.02
N ARG A 65 -2.95 -26.71 -0.36
CA ARG A 65 -3.34 -27.58 0.77
C ARG A 65 -3.86 -26.70 1.91
N ARG A 66 -3.12 -25.64 2.24
CA ARG A 66 -3.47 -24.68 3.28
C ARG A 66 -4.77 -23.93 2.92
N ALA A 67 -4.95 -23.60 1.63
CA ALA A 67 -6.15 -22.94 1.13
C ALA A 67 -7.37 -23.84 1.32
N ARG A 68 -7.24 -25.15 1.06
CA ARG A 68 -8.35 -26.09 1.26
C ARG A 68 -8.72 -26.20 2.74
N ARG A 69 -7.73 -26.25 3.64
CA ARG A 69 -7.97 -26.28 5.09
C ARG A 69 -8.66 -25.00 5.54
N LEU A 70 -8.29 -23.84 4.94
CA LEU A 70 -8.88 -22.54 5.25
C LEU A 70 -10.32 -22.48 4.74
N ALA A 71 -10.59 -23.04 3.56
CA ALA A 71 -11.96 -23.08 3.03
C ALA A 71 -12.90 -23.86 3.98
N GLN A 72 -12.40 -24.95 4.59
CA GLN A 72 -13.21 -25.73 5.55
C GLN A 72 -13.47 -24.88 6.80
N ARG A 73 -12.42 -24.21 7.30
CA ARG A 73 -12.50 -23.36 8.48
C ARG A 73 -13.45 -22.17 8.29
N THR A 74 -13.36 -21.48 7.14
CA THR A 74 -14.25 -20.33 6.87
C THR A 74 -15.70 -20.79 6.77
N ALA A 75 -15.95 -21.91 6.08
CA ALA A 75 -17.30 -22.49 5.93
C ALA A 75 -17.86 -22.92 7.27
N ARG A 76 -17.02 -23.51 8.15
CA ARG A 76 -17.44 -23.95 9.48
C ARG A 76 -17.89 -22.78 10.36
N SER A 77 -17.19 -21.65 10.26
CA SER A 77 -17.53 -20.47 11.04
C SER A 77 -18.54 -19.55 10.39
N ALA A 78 -18.92 -19.83 9.13
CA ALA A 78 -19.90 -19.05 8.34
C ALA A 78 -21.32 -19.47 8.68
N PRO A 79 -22.30 -18.57 8.46
CA PRO A 79 -23.71 -18.93 8.72
C PRO A 79 -24.17 -20.25 8.09
N GLY A 80 -23.65 -20.61 6.93
CA GLY A 80 -23.99 -21.86 6.29
C GLY A 80 -23.92 -21.81 4.77
N PRO A 81 -24.25 -22.94 4.11
CA PRO A 81 -24.22 -22.97 2.63
C PRO A 81 -24.99 -21.84 1.95
N ALA A 82 -26.20 -21.51 2.45
CA ALA A 82 -27.06 -20.46 1.91
C ALA A 82 -26.57 -19.03 2.17
N SER A 83 -25.58 -18.85 3.06
CA SER A 83 -25.08 -17.52 3.37
C SER A 83 -23.59 -17.50 3.63
N PRO A 85 -20.66 -16.08 1.33
CA PRO A 85 -19.99 -15.61 2.56
C PRO A 85 -18.50 -15.26 2.33
N THR A 86 -17.63 -16.28 2.11
CA THR A 86 -16.21 -16.08 1.85
C THR A 86 -15.75 -17.06 0.79
N GLU A 87 -15.07 -16.57 -0.23
CA GLU A 87 -14.53 -17.42 -1.27
C GLU A 87 -13.04 -17.54 -1.03
N VAL A 88 -12.55 -18.76 -0.83
CA VAL A 88 -11.13 -19.00 -0.65
C VAL A 88 -10.55 -19.42 -2.00
N VAL A 89 -9.57 -18.65 -2.49
CA VAL A 89 -8.99 -18.90 -3.79
C VAL A 89 -7.56 -19.34 -3.60
N ALA A 90 -7.20 -20.49 -4.19
CA ALA A 90 -5.84 -21.01 -4.16
C ALA A 90 -5.18 -20.39 -5.39
N ALA A 91 -4.43 -19.28 -5.19
CA ALA A 91 -3.82 -18.57 -6.31
C ALA A 91 -2.64 -17.71 -5.86
N ASP A 92 -1.76 -17.35 -6.81
CA ASP A 92 -0.67 -16.42 -6.58
C ASP A 92 -1.29 -15.04 -6.78
N PHE A 93 -1.25 -14.14 -5.77
CA PHE A 93 -1.86 -12.81 -5.87
C PHE A 93 -1.25 -11.96 -7.01
N LEU A 94 0.02 -12.21 -7.34
CA LEU A 94 0.69 -11.54 -8.46
C LEU A 94 0.01 -11.85 -9.81
N ARG A 95 -0.76 -12.97 -9.89
CA ARG A 95 -1.51 -13.40 -11.07
C ARG A 95 -3.03 -13.26 -10.91
N TYR A 96 -3.51 -12.87 -9.72
CA TYR A 96 -4.93 -12.73 -9.42
C TYR A 96 -5.52 -11.49 -10.08
N PRO A 97 -6.57 -11.63 -10.89
CA PRO A 97 -7.17 -10.45 -11.52
C PRO A 97 -8.02 -9.67 -10.52
N LEU A 98 -7.62 -8.44 -10.20
CA LEU A 98 -8.37 -7.60 -9.28
C LEU A 98 -9.60 -7.07 -9.98
N PRO A 99 -10.77 -7.10 -9.32
CA PRO A 99 -11.97 -6.53 -9.96
C PRO A 99 -11.81 -5.02 -10.21
N ARG A 100 -12.52 -4.51 -11.23
CA ARG A 100 -12.47 -3.08 -11.52
C ARG A 100 -13.48 -2.26 -10.69
N SER A 101 -14.35 -2.94 -9.93
CA SER A 101 -15.38 -2.39 -9.05
C SER A 101 -14.80 -2.08 -7.65
N PRO A 102 -15.41 -1.15 -6.89
CA PRO A 102 -14.87 -0.81 -5.58
C PRO A 102 -14.72 -1.99 -4.62
N HIS A 103 -13.52 -2.12 -4.04
CA HIS A 103 -13.21 -3.11 -3.03
C HIS A 103 -12.09 -2.58 -2.09
N VAL A 104 -11.81 -3.32 -1.02
CA VAL A 104 -10.81 -2.99 -0.02
C VAL A 104 -9.84 -4.17 0.06
N VAL A 105 -8.54 -3.90 0.01
CA VAL A 105 -7.52 -4.95 0.04
C VAL A 105 -6.86 -4.98 1.43
N VAL A 106 -6.60 -6.17 1.95
CA VAL A 106 -5.92 -6.34 3.23
C VAL A 106 -4.95 -7.51 3.12
N GLY A 107 -3.81 -7.44 3.79
CA GLY A 107 -2.86 -8.54 3.77
C GLY A 107 -1.64 -8.42 4.63
N ASN A 108 -1.12 -9.57 5.08
CA ASN A 108 0.11 -9.73 5.81
C ASN A 108 1.04 -10.21 4.70
N LEU A 109 1.83 -9.32 4.14
CA LEU A 109 2.65 -9.63 2.98
C LEU A 109 3.92 -10.40 3.26
N PRO A 110 4.25 -11.38 2.37
CA PRO A 110 5.55 -12.05 2.51
C PRO A 110 6.61 -10.98 2.24
N PHE A 111 7.51 -10.76 3.21
CA PHE A 111 8.48 -9.67 3.17
C PHE A 111 9.36 -9.66 1.91
N HIS A 112 9.62 -10.83 1.29
CA HIS A 112 10.45 -10.86 0.08
C HIS A 112 9.66 -10.47 -1.18
N LEU A 113 8.31 -10.48 -1.14
CA LEU A 113 7.51 -10.08 -2.29
C LEU A 113 6.80 -8.72 -2.13
N THR A 114 7.04 -8.01 -1.02
CA THR A 114 6.43 -6.72 -0.70
C THR A 114 6.45 -5.71 -1.87
N THR A 115 7.61 -5.40 -2.47
CA THR A 115 7.67 -4.37 -3.50
C THR A 115 6.97 -4.81 -4.79
N ALA A 116 7.02 -6.11 -5.12
CA ALA A 116 6.32 -6.62 -6.31
C ALA A 116 4.81 -6.55 -6.07
N ILE A 117 4.36 -6.93 -4.85
CA ILE A 117 2.93 -6.89 -4.51
C ILE A 117 2.44 -5.44 -4.49
N LEU A 118 3.25 -4.52 -3.95
CA LEU A 118 2.92 -3.09 -3.93
C LEU A 118 2.81 -2.54 -5.35
N ARG A 119 3.74 -2.92 -6.24
CA ARG A 119 3.73 -2.50 -7.64
C ARG A 119 2.46 -2.99 -8.34
N ARG A 120 2.10 -4.28 -8.09
CA ARG A 120 0.91 -4.92 -8.65
C ARG A 120 -0.35 -4.18 -8.19
N LEU A 121 -0.43 -3.86 -6.89
CA LEU A 121 -1.55 -3.11 -6.34
C LEU A 121 -1.62 -1.66 -6.86
N LEU A 122 -0.50 -0.92 -6.88
CA LEU A 122 -0.50 0.50 -7.32
C LEU A 122 -0.90 0.67 -8.77
N HIS A 123 -0.61 -0.34 -9.62
CA HIS A 123 -1.02 -0.36 -11.03
C HIS A 123 -2.41 -0.96 -11.25
N GLY A 124 -3.03 -1.54 -10.21
CA GLY A 124 -4.31 -2.22 -10.29
C GLY A 124 -5.54 -1.38 -10.08
N PRO A 125 -6.70 -1.93 -10.49
CA PRO A 125 -7.95 -1.16 -10.43
C PRO A 125 -8.82 -1.43 -9.20
N GLY A 126 -9.92 -0.68 -9.11
CA GLY A 126 -10.99 -0.85 -8.15
C GLY A 126 -10.79 -0.59 -6.68
N TRP A 127 -9.71 -1.12 -6.09
CA TRP A 127 -9.51 -0.99 -4.64
C TRP A 127 -9.35 0.45 -4.19
N THR A 128 -10.07 0.83 -3.14
CA THR A 128 -10.06 2.19 -2.61
C THR A 128 -9.20 2.36 -1.37
N THR A 129 -9.00 1.27 -0.61
CA THR A 129 -8.16 1.24 0.56
C THR A 129 -7.40 -0.08 0.60
N ALA A 130 -6.11 -0.06 0.99
CA ALA A 130 -5.29 -1.23 1.22
C ALA A 130 -4.77 -1.14 2.67
N VAL A 131 -4.86 -2.25 3.45
CA VAL A 131 -4.39 -2.31 4.83
C VAL A 131 -3.36 -3.41 4.83
N LEU A 132 -2.07 -3.05 4.83
CA LEU A 132 -1.00 -4.01 4.61
C LEU A 132 0.08 -4.10 5.67
N LEU A 133 0.44 -5.32 6.02
CA LEU A 133 1.49 -5.57 6.98
C LEU A 133 2.73 -5.95 6.18
N MET A 134 3.85 -5.26 6.43
CA MET A 134 5.10 -5.45 5.68
C MET A 134 6.31 -5.08 6.56
N GLN A 135 7.55 -5.11 6.03
CA GLN A 135 8.74 -4.68 6.79
C GLN A 135 8.59 -3.25 7.23
N TRP A 136 9.09 -2.96 8.39
CA TRP A 136 8.97 -1.65 9.00
C TRP A 136 9.67 -0.57 8.18
N GLU A 137 10.87 -0.87 7.66
CA GLU A 137 11.61 0.12 6.90
C GLU A 137 10.91 0.49 5.60
N VAL A 138 10.24 -0.49 4.96
CA VAL A 138 9.47 -0.25 3.74
C VAL A 138 8.21 0.57 4.07
N ALA A 139 7.44 0.17 5.10
CA ALA A 139 6.23 0.91 5.47
C ALA A 139 6.56 2.36 5.85
N ARG A 140 7.67 2.57 6.54
CA ARG A 140 8.14 3.90 6.94
C ARG A 140 8.42 4.79 5.71
N ARG A 141 9.16 4.25 4.73
CA ARG A 141 9.51 4.95 3.50
C ARG A 141 8.28 5.24 2.66
N ARG A 142 7.36 4.28 2.58
CA ARG A 142 6.10 4.41 1.84
C ARG A 142 5.20 5.49 2.48
N ALA A 143 5.13 5.55 3.82
CA ALA A 143 4.31 6.56 4.50
C ALA A 143 5.01 7.95 4.59
N ALA A 144 6.24 8.09 4.04
CA ALA A 144 7.04 9.33 4.04
C ALA A 144 7.41 9.80 5.45
N VAL A 145 7.78 8.87 6.33
CA VAL A 145 8.20 9.20 7.69
C VAL A 145 9.59 9.78 7.58
N GLY A 146 9.75 11.02 8.05
CA GLY A 146 11.00 11.74 7.95
C GLY A 146 11.27 12.28 6.54
N GLY A 147 10.23 12.35 5.71
CA GLY A 147 10.39 12.81 4.33
C GLY A 147 10.10 11.70 3.34
N ALA A 148 9.68 12.08 2.12
CA ALA A 148 9.35 11.12 1.09
C ALA A 148 10.53 10.58 0.33
N THR A 149 10.40 9.35 -0.15
CA THR A 149 11.40 8.74 -1.01
C THR A 149 10.84 8.88 -2.45
N MET A 150 11.66 8.58 -3.45
CA MET A 150 11.27 8.65 -4.85
C MET A 150 10.01 7.82 -5.15
N MET A 151 9.91 6.59 -4.61
CA MET A 151 8.75 5.73 -4.89
C MET A 151 7.44 6.29 -4.34
N THR A 152 7.44 6.87 -3.14
CA THR A 152 6.26 7.51 -2.58
C THR A 152 5.80 8.71 -3.44
N ALA A 153 6.73 9.64 -3.79
CA ALA A 153 6.45 10.83 -4.59
C ALA A 153 5.96 10.45 -5.98
N GLN A 154 6.47 9.32 -6.55
CA GLN A 154 6.04 8.79 -7.87
C GLN A 154 4.59 8.31 -7.86
N TRP A 155 4.07 7.90 -6.68
CA TRP A 155 2.68 7.44 -6.60
C TRP A 155 1.73 8.41 -5.95
N TRP A 156 2.25 9.48 -5.33
CA TRP A 156 1.47 10.50 -4.63
C TRP A 156 0.31 11.18 -5.43
N PRO A 157 0.34 11.40 -6.77
CA PRO A 157 -0.85 11.99 -7.43
C PRO A 157 -2.08 11.08 -7.37
N TRP A 158 -1.88 9.76 -7.20
CA TRP A 158 -3.01 8.83 -7.21
C TRP A 158 -3.33 8.20 -5.87
N PHE A 159 -2.38 8.21 -4.90
CA PHE A 159 -2.60 7.52 -3.62
C PHE A 159 -2.05 8.29 -2.43
N GLU A 160 -2.65 8.05 -1.26
CA GLU A 160 -2.20 8.57 0.03
C GLU A 160 -1.74 7.39 0.89
N PHE A 161 -0.66 7.57 1.63
CA PHE A 161 -0.04 6.53 2.47
C PHE A 161 -0.07 6.92 3.94
N GLY A 162 -0.43 5.99 4.80
CA GLY A 162 -0.46 6.24 6.25
C GLY A 162 0.24 5.13 7.01
N LEU A 163 0.99 5.47 8.05
CA LEU A 163 1.64 4.49 8.90
C LEU A 163 0.72 4.35 10.11
N ALA A 164 -0.03 3.24 10.20
CA ALA A 164 -0.96 3.05 11.31
C ALA A 164 -0.24 2.71 12.59
N ARG A 165 0.74 1.82 12.53
CA ARG A 165 1.47 1.41 13.73
C ARG A 165 2.68 0.59 13.39
N LYS A 166 3.60 0.49 14.35
CA LYS A 166 4.74 -0.40 14.25
C LYS A 166 4.30 -1.76 14.83
N VAL A 167 4.80 -2.86 14.29
CA VAL A 167 4.47 -4.21 14.76
C VAL A 167 5.79 -4.93 14.98
N SER A 168 6.06 -5.35 16.19
CA SER A 168 7.30 -6.06 16.52
C SER A 168 7.41 -7.39 15.80
N ALA A 169 8.64 -7.88 15.55
CA ALA A 169 8.84 -9.20 14.96
C ALA A 169 8.26 -10.31 15.88
N ALA A 170 8.17 -10.04 17.23
CA ALA A 170 7.58 -10.95 18.24
C ALA A 170 6.05 -11.15 18.04
N SER A 171 5.41 -10.31 17.21
CA SER A 171 3.97 -10.45 16.92
C SER A 171 3.68 -11.49 15.82
N PHE A 172 4.71 -12.12 15.27
CA PHE A 172 4.62 -13.12 14.23
C PHE A 172 5.21 -14.43 14.69
N THR A 173 4.80 -15.52 14.04
CA THR A 173 5.30 -16.87 14.29
C THR A 173 5.48 -17.64 12.98
N PRO A 174 6.71 -18.08 12.66
CA PRO A 174 7.97 -17.73 13.34
C PRO A 174 8.32 -16.25 13.18
N ARG A 175 9.26 -15.74 13.97
CA ARG A 175 9.64 -14.34 13.95
C ARG A 175 10.47 -13.99 12.74
N PRO A 176 10.11 -12.91 12.02
CA PRO A 176 10.97 -12.46 10.92
C PRO A 176 12.25 -11.82 11.49
N ALA A 177 13.22 -11.56 10.61
CA ALA A 177 14.50 -10.96 10.99
C ALA A 177 14.39 -9.47 11.31
N VAL A 178 13.34 -8.79 10.83
CA VAL A 178 13.16 -7.37 11.10
C VAL A 178 11.74 -7.13 11.63
N ASP A 179 11.51 -5.95 12.22
CA ASP A 179 10.18 -5.54 12.67
C ASP A 179 9.29 -5.23 11.42
N ALA A 180 7.99 -4.99 11.68
CA ALA A 180 6.99 -4.74 10.69
C ALA A 180 6.28 -3.36 10.91
N GLY A 181 5.56 -2.92 9.89
CA GLY A 181 4.76 -1.71 9.94
C GLY A 181 3.43 -1.99 9.30
N LEU A 182 2.38 -1.42 9.86
CA LEU A 182 1.05 -1.56 9.32
C LEU A 182 0.80 -0.34 8.44
N LEU A 183 0.72 -0.51 7.12
CA LEU A 183 0.55 0.59 6.19
C LEU A 183 -0.86 0.66 5.60
N THR A 184 -1.43 1.88 5.53
CA THR A 184 -2.70 2.08 4.86
C THR A 184 -2.44 2.88 3.58
N ILE A 185 -3.15 2.53 2.51
CA ILE A 185 -3.07 3.24 1.23
C ILE A 185 -4.50 3.55 0.81
N THR A 186 -4.77 4.78 0.39
CA THR A 186 -6.11 5.14 -0.08
C THR A 186 -5.99 5.72 -1.47
N ARG A 187 -6.87 5.27 -2.39
CA ARG A 187 -6.87 5.78 -3.76
C ARG A 187 -7.49 7.16 -3.73
N ARG A 188 -6.83 8.19 -4.29
CA ARG A 188 -7.44 9.52 -4.33
C ARG A 188 -8.61 9.49 -5.31
N SER A 189 -9.77 9.99 -4.89
CA SER A 189 -10.96 10.14 -5.74
C SER A 189 -10.67 11.18 -6.86
N ARG A 190 -9.88 12.21 -6.54
CA ARG A 190 -9.46 13.21 -7.50
C ARG A 190 -7.94 13.15 -7.64
N PRO A 191 -7.45 12.46 -8.67
CA PRO A 191 -5.99 12.41 -8.89
C PRO A 191 -5.39 13.81 -9.10
N LEU A 192 -4.17 14.00 -8.63
CA LEU A 192 -3.46 15.28 -8.78
C LEU A 192 -2.85 15.43 -10.17
N VAL A 193 -2.58 14.31 -10.86
CA VAL A 193 -1.99 14.22 -12.20
C VAL A 193 -2.80 13.15 -12.94
N ASP A 194 -3.09 13.34 -14.25
CA ASP A 194 -3.85 12.33 -15.00
C ASP A 194 -3.06 11.05 -15.11
N VAL A 195 -3.73 9.89 -14.93
CA VAL A 195 -3.10 8.57 -15.02
C VAL A 195 -2.41 8.35 -16.40
N ALA A 196 -2.91 9.02 -17.46
CA ALA A 196 -2.28 8.90 -18.79
C ALA A 196 -0.87 9.51 -18.81
N ASP A 197 -0.58 10.48 -17.89
CA ASP A 197 0.72 11.13 -17.77
C ASP A 197 1.62 10.50 -16.70
N ARG A 198 1.28 9.29 -16.22
CA ARG A 198 2.00 8.59 -15.17
C ARG A 198 3.47 8.34 -15.45
N ALA A 199 3.82 7.81 -16.63
CA ALA A 199 5.21 7.54 -16.94
C ALA A 199 6.06 8.82 -17.04
N ARG A 200 5.58 9.90 -17.68
CA ARG A 200 6.35 11.17 -17.72
C ARG A 200 6.46 11.74 -16.30
N TYR A 201 5.34 11.69 -15.52
CA TYR A 201 5.39 12.18 -14.14
C TYR A 201 6.45 11.42 -13.32
N GLN A 202 6.42 10.07 -13.36
CA GLN A 202 7.34 9.25 -12.57
C GLN A 202 8.79 9.40 -13.03
N ALA A 203 9.00 9.67 -14.34
CA ALA A 203 10.34 9.95 -14.89
C ALA A 203 10.88 11.28 -14.33
N LEU A 204 10.02 12.29 -14.22
CA LEU A 204 10.41 13.61 -13.67
C LEU A 204 10.80 13.44 -12.21
N VAL A 205 9.98 12.70 -11.44
CA VAL A 205 10.31 12.47 -10.03
C VAL A 205 11.66 11.73 -9.88
N HIS A 206 11.92 10.75 -10.74
CA HIS A 206 13.21 10.04 -10.72
C HIS A 206 14.37 11.00 -10.98
N ARG A 207 14.18 11.89 -11.96
CA ARG A 207 15.16 12.89 -12.39
C ARG A 207 15.52 13.88 -11.26
N VAL A 208 14.54 14.31 -10.46
CA VAL A 208 14.80 15.23 -9.35
C VAL A 208 15.50 14.52 -8.18
N PHE A 209 15.06 13.30 -7.82
CA PHE A 209 15.69 12.56 -6.71
C PHE A 209 17.11 12.09 -7.00
N THR A 210 17.43 11.85 -8.27
CA THR A 210 18.78 11.41 -8.64
C THR A 210 19.65 12.51 -9.30
N GLY A 211 19.10 13.71 -9.45
CA GLY A 211 19.82 14.81 -10.07
C GLY A 211 20.92 15.38 -9.21
N ARG A 212 21.93 15.96 -9.87
CA ARG A 212 23.05 16.57 -9.15
C ARG A 212 22.64 17.95 -8.66
N GLY A 213 23.27 18.38 -7.59
CA GLY A 213 22.99 19.67 -7.00
C GLY A 213 22.72 19.58 -5.52
N HIS A 214 22.96 20.68 -4.82
CA HIS A 214 22.72 20.78 -3.39
C HIS A 214 21.43 21.58 -3.16
N GLY A 215 20.32 20.87 -3.00
CA GLY A 215 19.04 21.52 -2.79
C GLY A 215 18.28 21.73 -4.08
N MET A 216 16.95 21.91 -3.96
CA MET A 216 16.05 22.07 -5.08
C MET A 216 16.46 23.13 -6.11
N ALA A 217 16.90 24.32 -5.68
CA ALA A 217 17.33 25.38 -6.61
C ALA A 217 18.47 24.90 -7.51
N GLN A 218 19.48 24.24 -6.93
CA GLN A 218 20.58 23.70 -7.74
C GLN A 218 20.13 22.51 -8.60
N ILE A 219 19.31 21.61 -8.05
CA ILE A 219 18.81 20.46 -8.80
C ILE A 219 18.00 20.87 -10.04
N LEU A 220 17.07 21.81 -9.89
CA LEU A 220 16.25 22.27 -11.00
C LEU A 220 17.03 23.09 -12.05
N GLN A 221 18.18 23.67 -11.68
CA GLN A 221 19.05 24.42 -12.59
C GLN A 221 19.69 23.45 -13.58
N ARG A 222 20.38 22.41 -13.05
CA ARG A 222 21.11 21.38 -13.77
C ARG A 222 20.18 20.27 -14.28
N LEU A 223 19.05 20.65 -14.90
CA LEU A 223 18.05 19.69 -15.37
C LEU A 223 17.47 20.14 -16.72
N PRO A 224 17.12 19.18 -17.60
CA PRO A 224 16.52 19.57 -18.89
C PRO A 224 15.03 19.89 -18.77
N VAL A 227 12.54 25.68 -15.86
CA VAL A 227 11.73 26.16 -14.73
C VAL A 227 12.08 27.59 -14.39
N PRO A 228 11.10 28.51 -14.35
CA PRO A 228 11.42 29.90 -14.00
C PRO A 228 12.09 30.01 -12.64
N ARG A 229 13.08 30.90 -12.52
CA ARG A 229 13.83 31.08 -11.27
C ARG A 229 12.94 31.57 -10.09
N THR A 230 11.81 32.20 -10.40
CA THR A 230 10.88 32.62 -9.37
C THR A 230 9.93 31.46 -8.92
N TRP A 231 9.90 30.32 -9.66
CA TRP A 231 8.99 29.19 -9.42
C TRP A 231 9.08 28.58 -8.01
N LEU A 232 10.27 28.24 -7.52
CA LEU A 232 10.42 27.61 -6.21
C LEU A 232 9.80 28.41 -5.06
N ARG A 233 10.23 29.66 -4.87
CA ARG A 233 9.70 30.48 -3.79
C ARG A 233 8.23 30.81 -4.00
N ALA A 234 7.77 31.02 -5.27
CA ALA A 234 6.32 31.24 -5.50
C ALA A 234 5.47 30.01 -5.13
N ASN A 235 6.08 28.82 -5.09
CA ASN A 235 5.35 27.60 -4.71
C ASN A 235 5.60 27.17 -3.26
N GLY A 236 6.19 28.08 -2.44
CA GLY A 236 6.44 27.87 -1.03
C GLY A 236 7.59 26.93 -0.75
N ILE A 237 8.52 26.79 -1.69
CA ILE A 237 9.64 25.87 -1.53
C ILE A 237 10.92 26.65 -1.27
N ALA A 238 11.56 26.40 -0.13
CA ALA A 238 12.82 27.04 0.20
C ALA A 238 13.90 26.56 -0.81
N PRO A 239 14.77 27.47 -1.29
CA PRO A 239 15.78 27.06 -2.29
C PRO A 239 16.75 25.97 -1.82
N ASN A 240 16.99 25.87 -0.50
CA ASN A 240 17.89 24.87 0.09
C ASN A 240 17.19 23.51 0.34
N SER A 241 15.86 23.43 0.19
CA SER A 241 15.11 22.22 0.50
C SER A 241 15.50 21.01 -0.34
N LEU A 242 15.26 19.84 0.23
CA LEU A 242 15.61 18.57 -0.43
C LEU A 242 14.38 18.01 -1.12
N PRO A 243 14.56 17.19 -2.18
CA PRO A 243 13.40 16.56 -2.85
C PRO A 243 12.42 15.83 -1.90
N ARG A 244 12.93 15.20 -0.83
CA ARG A 244 12.13 14.50 0.19
C ARG A 244 11.18 15.45 0.98
N GLN A 245 11.46 16.75 0.98
CA GLN A 245 10.64 17.72 1.70
C GLN A 245 9.45 18.25 0.88
N LEU A 246 9.37 17.93 -0.43
CA LEU A 246 8.26 18.39 -1.24
C LEU A 246 6.96 17.63 -0.90
N SER A 247 5.85 18.34 -0.95
CA SER A 247 4.53 17.75 -0.74
C SER A 247 4.01 17.17 -2.07
N ALA A 248 2.90 16.43 -2.02
CA ALA A 248 2.29 15.89 -3.23
C ALA A 248 1.86 17.04 -4.16
N ALA A 249 1.26 18.11 -3.59
CA ALA A 249 0.77 19.24 -4.37
C ALA A 249 1.89 19.97 -5.14
N GLN A 250 3.07 20.07 -4.53
CA GLN A 250 4.27 20.70 -5.07
C GLN A 250 4.87 19.87 -6.22
N TRP A 251 4.86 18.54 -6.08
CA TRP A 251 5.31 17.63 -7.14
C TRP A 251 4.42 17.75 -8.35
N ALA A 252 3.10 17.84 -8.14
CA ALA A 252 2.13 17.97 -9.22
C ALA A 252 2.26 19.34 -9.90
N ALA A 253 2.51 20.42 -9.12
CA ALA A 253 2.71 21.77 -9.67
C ALA A 253 3.99 21.79 -10.52
N LEU A 254 5.04 21.08 -10.08
CA LEU A 254 6.30 20.96 -10.80
C LEU A 254 6.07 20.18 -12.10
N PHE A 255 5.22 19.15 -12.08
CA PHE A 255 4.88 18.38 -13.28
C PHE A 255 4.15 19.28 -14.29
N GLU A 256 3.18 20.06 -13.82
CA GLU A 256 2.45 20.97 -14.70
C GLU A 256 3.36 22.02 -15.29
N GLN A 257 4.35 22.49 -14.51
CA GLN A 257 5.29 23.50 -14.95
C GLN A 257 6.18 22.95 -16.05
N THR A 258 6.79 21.79 -15.83
CA THR A 258 7.60 21.14 -16.83
C THR A 258 6.64 20.23 -17.64
#